data_3GKR
#
_entry.id   3GKR
#
_cell.length_a   42.324
_cell.length_b   101.836
_cell.length_c   46.847
_cell.angle_alpha   90.00
_cell.angle_beta   102.85
_cell.angle_gamma   90.00
#
_symmetry.space_group_name_H-M   'P 1 21 1'
#
loop_
_entity.id
_entity.type
_entity.pdbx_description
1 polymer FemX
2 polymer UDP-MurNAc-peptide
3 non-polymer 'MAGNESIUM ION'
4 non-polymer GLYCEROL
5 non-polymer ALANINE
6 water water
#
loop_
_entity_poly.entity_id
_entity_poly.type
_entity_poly.pdbx_seq_one_letter_code
_entity_poly.pdbx_strand_id
1 'polypeptide(L)'
;MPVLNLNDPQAVERYEEFMRQSPYGQVTQDLGWAKVKNNWEPVDVYLEDDQGAIIAAMSMLLGDTPTDKKFAYASKGPVM
DVTDVDLLDRLVDEAVKALDGRAYVLRFDPEVAYSDEFNTTLQDHGYVTRNRNVADAGMHATIQPRLNMVLDLTKFPDAK
TTLDLYPSKTKSKIKRPFRDGVEVHSGNSATELDEFFKTYTTMAERHGITHRPIEYFQRMQAAFDADTMRIFVAEREGKL
LSTGIALKYGRKIWYMYAGSMDGNTYYAPYAVQSEMIQWALDTNTDLYDLGGIESESTDDSLYVFKHVFVKDAPREYIGE
IDKVLDPEVYAELVKD
;
A
2 'polypeptide(L)' (UMA)(FGA)K(DAL)(DAL) B
#
loop_
_chem_comp.id
_chem_comp.type
_chem_comp.name
_chem_comp.formula
FGA D-gamma-peptide, C-delta linking 'GAMMA-D-GLUTAMIC ACID' 'C5 H9 N O4'
GOL non-polymer GLYCEROL 'C3 H8 O3'
MG non-polymer 'MAGNESIUM ION' 'Mg 2'
#
# COMPACT_ATOMS: atom_id res chain seq x y z
N PRO A 2 -7.60 -22.77 7.85
CA PRO A 2 -8.29 -22.48 9.12
C PRO A 2 -8.47 -21.00 9.32
N VAL A 3 -9.33 -20.65 10.26
CA VAL A 3 -9.60 -19.26 10.60
C VAL A 3 -8.76 -18.94 11.82
N LEU A 4 -8.20 -17.74 11.85
CA LEU A 4 -7.40 -17.29 12.99
C LEU A 4 -8.30 -16.82 14.11
N ASN A 5 -8.00 -17.37 15.30
CA ASN A 5 -8.62 -16.90 16.53
C ASN A 5 -7.85 -15.67 17.05
N LEU A 6 -8.41 -14.47 16.90
CA LEU A 6 -7.69 -13.23 17.23
C LEU A 6 -7.53 -13.06 18.72
N ASN A 7 -8.21 -13.91 19.44
CA ASN A 7 -8.07 -13.93 20.93
C ASN A 7 -7.00 -14.86 21.49
N ASP A 8 -6.29 -15.55 20.61
CA ASP A 8 -5.25 -16.50 21.04
C ASP A 8 -3.94 -15.82 20.67
N PRO A 9 -3.23 -15.23 21.63
CA PRO A 9 -2.05 -14.48 21.29
C PRO A 9 -0.99 -15.32 20.60
N GLN A 10 -0.86 -16.61 20.95
CA GLN A 10 0.18 -17.41 20.34
C GLN A 10 -0.12 -17.63 18.84
N ALA A 11 -1.37 -17.93 18.56
CA ALA A 11 -1.84 -18.12 17.15
C ALA A 11 -1.64 -16.85 16.34
N VAL A 12 -1.96 -15.76 16.99
CA VAL A 12 -1.78 -14.42 16.39
C VAL A 12 -0.34 -14.15 16.08
N GLU A 13 0.57 -14.46 17.02
CA GLU A 13 1.98 -14.26 16.74
C GLU A 13 2.52 -15.17 15.59
N ARG A 14 1.98 -16.36 15.47
CA ARG A 14 2.51 -17.31 14.50
C ARG A 14 2.06 -16.74 13.17
N TYR A 15 0.83 -16.26 13.12
CA TYR A 15 0.34 -15.69 11.82
C TYR A 15 1.17 -14.47 11.45
N GLU A 16 1.40 -13.59 12.42
CA GLU A 16 2.27 -12.40 12.20
C GLU A 16 3.67 -12.83 11.74
N GLU A 17 4.20 -13.90 12.27
CA GLU A 17 5.52 -14.30 11.84
C GLU A 17 5.59 -14.72 10.36
N PHE A 18 4.60 -15.45 9.93
CA PHE A 18 4.53 -15.83 8.52
C PHE A 18 4.39 -14.52 7.70
N MET A 19 3.51 -13.62 8.07
CA MET A 19 3.30 -12.41 7.28
C MET A 19 4.60 -11.51 7.20
N ARG A 20 5.26 -11.36 8.31
CA ARG A 20 6.44 -10.45 8.35
C ARG A 20 7.61 -11.09 7.65
N GLN A 21 7.70 -12.42 7.56
CA GLN A 21 8.82 -13.06 6.89
C GLN A 21 8.60 -13.45 5.42
N SER A 22 7.36 -13.36 4.95
CA SER A 22 7.06 -13.75 3.57
C SER A 22 7.59 -12.74 2.53
N PRO A 23 8.16 -13.25 1.45
CA PRO A 23 8.49 -12.35 0.35
C PRO A 23 7.30 -11.64 -0.19
N TYR A 24 6.10 -12.16 0.06
CA TYR A 24 4.87 -11.52 -0.52
C TYR A 24 4.18 -10.69 0.54
N GLY A 25 4.82 -10.59 1.72
CA GLY A 25 4.19 -9.72 2.78
C GLY A 25 3.87 -8.31 2.35
N GLN A 26 2.75 -7.77 2.92
CA GLN A 26 2.27 -6.43 2.64
C GLN A 26 1.75 -5.86 3.96
N VAL A 27 2.01 -4.59 4.20
CA VAL A 27 1.61 -3.97 5.48
C VAL A 27 0.08 -4.00 5.60
N THR A 28 -0.61 -3.83 4.50
CA THR A 28 -2.12 -3.90 4.52
C THR A 28 -2.67 -5.30 4.70
N GLN A 29 -1.80 -6.32 4.78
CA GLN A 29 -2.26 -7.69 5.14
C GLN A 29 -1.78 -7.97 6.56
N ASP A 30 -0.95 -7.09 7.14
CA ASP A 30 -0.56 -7.34 8.56
C ASP A 30 -1.77 -7.24 9.46
N LEU A 31 -1.78 -7.87 10.62
CA LEU A 31 -2.94 -7.69 11.45
C LEU A 31 -3.05 -6.31 12.03
N GLY A 32 -1.96 -5.58 12.00
CA GLY A 32 -1.93 -4.21 12.53
C GLY A 32 -2.86 -3.36 11.65
N TRP A 33 -3.05 -3.75 10.39
CA TRP A 33 -3.88 -2.92 9.51
C TRP A 33 -5.33 -2.89 9.98
N ALA A 34 -5.79 -3.98 10.58
CA ALA A 34 -7.18 -4.04 11.18
C ALA A 34 -7.23 -3.01 12.32
N LYS A 35 -6.13 -2.89 13.09
CA LYS A 35 -6.14 -1.90 14.18
C LYS A 35 -6.28 -0.45 13.66
N VAL A 36 -5.66 -0.20 12.53
CA VAL A 36 -5.75 1.12 11.88
C VAL A 36 -7.19 1.31 11.33
N LYS A 37 -7.68 0.34 10.57
CA LYS A 37 -9.07 0.36 10.06
C LYS A 37 -10.04 -0.24 11.05
N ASN A 38 -10.10 0.38 12.25
CA ASN A 38 -10.83 -0.25 13.31
C ASN A 38 -12.33 -0.16 13.23
N ASN A 39 -12.85 0.50 12.20
CA ASN A 39 -14.23 0.55 11.94
C ASN A 39 -14.67 -0.60 11.02
N TRP A 40 -13.70 -1.44 10.59
CA TRP A 40 -14.00 -2.67 9.76
C TRP A 40 -13.87 -3.84 10.66
N GLU A 41 -14.49 -4.98 10.31
CA GLU A 41 -14.42 -6.21 11.08
C GLU A 41 -13.39 -7.13 10.48
N PRO A 42 -12.45 -7.61 11.26
CA PRO A 42 -11.37 -8.42 10.71
C PRO A 42 -11.77 -9.90 10.70
N VAL A 43 -11.44 -10.61 9.61
CA VAL A 43 -11.58 -12.08 9.59
C VAL A 43 -10.31 -12.53 8.86
N ASP A 44 -9.53 -13.40 9.45
CA ASP A 44 -8.23 -13.77 8.84
C ASP A 44 -8.14 -15.31 8.69
N VAL A 45 -7.65 -15.80 7.56
CA VAL A 45 -7.57 -17.25 7.34
C VAL A 45 -6.21 -17.61 6.84
N TYR A 46 -5.90 -18.92 6.86
CA TYR A 46 -4.55 -19.33 6.42
C TYR A 46 -4.61 -20.79 6.05
N LEU A 47 -3.63 -21.20 5.26
CA LEU A 47 -3.44 -22.68 5.06
C LEU A 47 -2.14 -23.09 5.61
N GLU A 48 -2.07 -24.38 5.97
CA GLU A 48 -0.79 -24.95 6.41
C GLU A 48 -0.31 -26.04 5.53
N ASP A 49 0.97 -26.34 5.62
CA ASP A 49 1.51 -27.54 4.91
C ASP A 49 1.41 -28.80 5.81
N ASP A 50 2.00 -29.95 5.38
CA ASP A 50 1.90 -31.19 6.21
C ASP A 50 2.54 -31.10 7.58
N GLN A 51 3.46 -30.15 7.77
CA GLN A 51 4.28 -30.12 8.97
C GLN A 51 3.61 -29.12 9.85
N GLY A 52 2.48 -28.64 9.32
CA GLY A 52 1.63 -27.72 10.04
C GLY A 52 2.14 -26.29 10.07
N ALA A 53 3.10 -25.95 9.24
CA ALA A 53 3.59 -24.55 9.04
C ALA A 53 2.65 -23.73 8.15
N ILE A 54 2.51 -22.44 8.42
CA ILE A 54 1.65 -21.67 7.48
C ILE A 54 2.37 -21.52 6.17
N ILE A 55 1.61 -21.68 5.08
CA ILE A 55 2.11 -21.54 3.73
C ILE A 55 1.39 -20.43 2.99
N ALA A 56 0.25 -19.94 3.53
CA ALA A 56 -0.45 -18.92 2.77
C ALA A 56 -1.47 -18.27 3.71
N ALA A 57 -1.68 -16.95 3.54
CA ALA A 57 -2.58 -16.27 4.48
C ALA A 57 -3.33 -15.13 3.85
N MET A 58 -4.53 -14.90 4.35
CA MET A 58 -5.39 -13.83 3.80
C MET A 58 -6.08 -13.06 4.89
N SER A 59 -5.68 -11.80 5.08
CA SER A 59 -6.31 -10.91 6.09
C SER A 59 -7.46 -10.13 5.52
N MET A 60 -8.68 -10.32 5.97
CA MET A 60 -9.77 -9.62 5.33
C MET A 60 -10.32 -8.58 6.30
N LEU A 61 -10.85 -7.52 5.76
CA LEU A 61 -11.68 -6.59 6.54
C LEU A 61 -13.04 -6.48 5.91
N LEU A 62 -14.07 -6.46 6.79
CA LEU A 62 -15.41 -6.50 6.31
C LEU A 62 -16.06 -5.12 6.58
N GLY A 63 -16.62 -4.54 5.55
CA GLY A 63 -17.25 -3.17 5.71
C GLY A 63 -18.72 -3.22 5.30
N ASP A 64 -19.45 -2.21 5.73
CA ASP A 64 -20.90 -2.19 5.48
C ASP A 64 -21.22 -1.72 4.05
N THR A 65 -22.47 -1.99 3.57
CA THR A 65 -22.92 -1.53 2.26
C THR A 65 -24.35 -1.09 2.51
N PRO A 66 -25.05 -0.59 1.48
CA PRO A 66 -26.46 -0.27 1.72
C PRO A 66 -27.40 -1.47 1.60
N THR A 67 -26.85 -2.66 1.62
CA THR A 67 -27.58 -3.93 1.60
C THR A 67 -27.37 -4.73 2.88
N ASP A 68 -28.03 -5.89 2.99
CA ASP A 68 -27.83 -6.69 4.20
C ASP A 68 -26.49 -7.46 4.19
N LYS A 69 -25.69 -7.27 3.16
CA LYS A 69 -24.39 -8.02 3.02
C LYS A 69 -23.22 -7.08 3.30
N LYS A 70 -22.13 -7.67 3.78
CA LYS A 70 -20.91 -6.93 3.97
C LYS A 70 -20.06 -7.02 2.69
N PHE A 71 -19.12 -6.09 2.59
CA PHE A 71 -18.07 -6.11 1.56
C PHE A 71 -16.81 -6.67 2.22
N ALA A 72 -16.28 -7.80 1.75
CA ALA A 72 -15.05 -8.38 2.38
C ALA A 72 -13.86 -8.07 1.42
N TYR A 73 -12.86 -7.41 1.97
CA TYR A 73 -11.74 -6.91 1.21
C TYR A 73 -10.39 -7.32 1.85
N ALA A 74 -9.52 -8.00 1.07
CA ALA A 74 -8.19 -8.37 1.51
C ALA A 74 -7.22 -7.46 0.71
N SER A 75 -6.93 -6.29 1.24
CA SER A 75 -6.09 -5.32 0.60
C SER A 75 -4.64 -5.72 0.36
N LYS A 76 -4.35 -5.70 -0.95
CA LYS A 76 -3.05 -6.23 -1.43
C LYS A 76 -2.70 -7.64 -0.97
N GLY A 77 -3.73 -8.48 -0.69
CA GLY A 77 -3.42 -9.87 -0.39
C GLY A 77 -3.99 -10.74 -1.50
N PRO A 78 -4.00 -12.03 -1.32
CA PRO A 78 -3.43 -12.70 -0.17
C PRO A 78 -1.92 -12.77 -0.24
N VAL A 79 -1.35 -13.26 0.83
CA VAL A 79 0.10 -13.38 0.93
C VAL A 79 0.52 -14.80 0.63
N MET A 80 1.02 -14.93 -0.59
CA MET A 80 1.42 -16.15 -1.22
C MET A 80 1.71 -15.77 -2.71
N ASP A 81 2.08 -16.74 -3.55
CA ASP A 81 2.22 -16.52 -4.99
C ASP A 81 0.85 -16.73 -5.60
N VAL A 82 0.13 -15.64 -5.88
CA VAL A 82 -1.25 -15.75 -6.29
C VAL A 82 -1.38 -16.34 -7.71
N THR A 83 -0.26 -16.42 -8.44
CA THR A 83 -0.28 -17.17 -9.71
C THR A 83 -0.40 -18.70 -9.50
N ASP A 84 -0.19 -19.18 -8.28
CA ASP A 84 -0.40 -20.60 -8.04
C ASP A 84 -1.89 -20.74 -7.79
N VAL A 85 -2.67 -20.75 -8.85
CA VAL A 85 -4.17 -20.57 -8.68
C VAL A 85 -4.83 -21.73 -7.99
N ASP A 86 -4.29 -22.94 -8.07
CA ASP A 86 -4.93 -24.02 -7.30
C ASP A 86 -4.70 -23.83 -5.78
N LEU A 87 -3.54 -23.34 -5.36
CA LEU A 87 -3.37 -22.99 -3.94
C LEU A 87 -4.29 -21.77 -3.56
N LEU A 88 -4.34 -20.78 -4.45
CA LEU A 88 -5.22 -19.58 -4.15
C LEU A 88 -6.65 -20.08 -3.98
N ASP A 89 -7.15 -20.97 -4.85
CA ASP A 89 -8.53 -21.43 -4.72
C ASP A 89 -8.73 -22.04 -3.30
N ARG A 90 -7.77 -22.82 -2.88
CA ARG A 90 -7.86 -23.43 -1.59
C ARG A 90 -7.95 -22.37 -0.48
N LEU A 91 -7.12 -21.35 -0.60
CA LEU A 91 -7.08 -20.29 0.40
C LEU A 91 -8.40 -19.51 0.39
N VAL A 92 -8.86 -19.21 -0.80
CA VAL A 92 -10.14 -18.60 -0.88
C VAL A 92 -11.30 -19.36 -0.40
N ASP A 93 -11.25 -20.67 -0.59
CA ASP A 93 -12.29 -21.49 0.03
C ASP A 93 -12.30 -21.43 1.53
N GLU A 94 -11.15 -21.37 2.15
CA GLU A 94 -11.08 -21.20 3.63
C GLU A 94 -11.67 -19.83 4.00
N ALA A 95 -11.29 -18.80 3.25
CA ALA A 95 -11.86 -17.45 3.50
C ALA A 95 -13.39 -17.39 3.40
N VAL A 96 -13.92 -18.04 2.36
CA VAL A 96 -15.38 -18.08 2.11
C VAL A 96 -16.07 -18.80 3.28
N LYS A 97 -15.50 -19.92 3.74
CA LYS A 97 -16.02 -20.58 4.92
C LYS A 97 -16.08 -19.65 6.14
N ALA A 98 -15.04 -18.86 6.37
CA ALA A 98 -15.00 -17.99 7.56
C ALA A 98 -15.97 -16.85 7.40
N LEU A 99 -16.28 -16.44 6.17
CA LEU A 99 -17.19 -15.28 6.00
C LEU A 99 -18.60 -15.75 6.29
N ASP A 100 -18.85 -17.06 6.05
CA ASP A 100 -20.14 -17.66 6.50
C ASP A 100 -21.40 -16.98 5.98
N GLY A 101 -21.34 -16.59 4.73
CA GLY A 101 -22.49 -16.06 4.03
C GLY A 101 -22.75 -14.62 4.33
N ARG A 102 -21.87 -13.94 5.06
CA ARG A 102 -22.10 -12.55 5.43
C ARG A 102 -21.76 -11.50 4.39
N ALA A 103 -20.92 -11.87 3.41
CA ALA A 103 -20.41 -10.90 2.47
C ALA A 103 -20.89 -11.20 1.09
N TYR A 104 -21.04 -10.17 0.30
CA TYR A 104 -21.52 -10.44 -1.05
C TYR A 104 -20.38 -10.76 -2.06
N VAL A 105 -19.17 -10.33 -1.66
CA VAL A 105 -17.99 -10.56 -2.50
C VAL A 105 -16.84 -10.70 -1.53
N LEU A 106 -15.80 -11.45 -1.96
CA LEU A 106 -14.46 -11.33 -1.37
C LEU A 106 -13.60 -10.77 -2.44
N ARG A 107 -13.07 -9.56 -2.25
CA ARG A 107 -12.21 -8.89 -3.26
C ARG A 107 -10.77 -8.90 -2.78
N PHE A 108 -9.82 -9.25 -3.64
CA PHE A 108 -8.42 -9.04 -3.37
C PHE A 108 -7.62 -8.51 -4.50
N ASP A 109 -6.64 -7.70 -4.17
CA ASP A 109 -5.97 -6.90 -5.22
C ASP A 109 -4.43 -7.03 -5.03
N PRO A 110 -3.91 -8.21 -5.34
CA PRO A 110 -2.50 -8.47 -5.10
C PRO A 110 -1.58 -7.71 -5.96
N GLU A 111 -0.37 -7.45 -5.46
CA GLU A 111 0.66 -6.82 -6.29
C GLU A 111 1.36 -7.85 -7.15
N VAL A 112 0.71 -8.29 -8.24
CA VAL A 112 1.29 -9.23 -9.22
C VAL A 112 0.98 -8.62 -10.59
N ALA A 113 1.94 -8.74 -11.47
CA ALA A 113 1.80 -8.13 -12.80
C ALA A 113 0.54 -8.54 -13.51
N TYR A 114 -0.11 -7.58 -14.17
CA TYR A 114 -1.15 -7.89 -15.15
C TYR A 114 -0.51 -8.75 -16.31
N SER A 115 -1.22 -9.78 -16.71
CA SER A 115 -0.96 -10.40 -18.02
C SER A 115 -2.31 -10.96 -18.51
N ASP A 116 -2.41 -11.09 -19.85
CA ASP A 116 -3.59 -11.68 -20.40
C ASP A 116 -3.70 -13.11 -19.89
N GLU A 117 -2.63 -13.93 -19.92
CA GLU A 117 -2.81 -15.29 -19.50
C GLU A 117 -3.24 -15.42 -18.03
N PHE A 118 -2.75 -14.55 -17.11
CA PHE A 118 -3.15 -14.71 -15.71
C PHE A 118 -4.60 -14.24 -15.57
N ASN A 119 -4.96 -13.14 -16.30
CA ASN A 119 -6.37 -12.67 -16.30
C ASN A 119 -7.28 -13.83 -16.68
N THR A 120 -6.92 -14.46 -17.83
CA THR A 120 -7.73 -15.56 -18.38
C THR A 120 -7.83 -16.71 -17.42
N THR A 121 -6.72 -17.07 -16.77
CA THR A 121 -6.71 -18.16 -15.79
C THR A 121 -7.68 -17.89 -14.62
N LEU A 122 -7.59 -16.66 -14.13
CA LEU A 122 -8.48 -16.34 -13.01
C LEU A 122 -9.98 -16.44 -13.36
N GLN A 123 -10.31 -15.91 -14.54
CA GLN A 123 -11.69 -15.99 -15.05
C GLN A 123 -12.10 -17.41 -15.27
N ASP A 124 -11.19 -18.26 -15.75
CA ASP A 124 -11.53 -19.66 -16.00
C ASP A 124 -11.76 -20.36 -14.65
N HIS A 125 -11.17 -19.85 -13.54
CA HIS A 125 -11.38 -20.38 -12.21
C HIS A 125 -12.61 -19.79 -11.50
N GLY A 126 -13.40 -18.96 -12.20
CA GLY A 126 -14.67 -18.51 -11.70
C GLY A 126 -14.59 -17.11 -11.03
N TYR A 127 -13.40 -16.52 -10.99
CA TYR A 127 -13.33 -15.17 -10.40
C TYR A 127 -13.79 -14.14 -11.47
N VAL A 128 -14.21 -12.95 -10.97
CA VAL A 128 -14.49 -11.80 -11.86
C VAL A 128 -13.29 -10.82 -11.66
N THR A 129 -12.67 -10.47 -12.76
CA THR A 129 -11.50 -9.58 -12.63
C THR A 129 -11.83 -8.15 -13.11
N ARG A 130 -11.17 -7.18 -12.49
CA ARG A 130 -11.38 -5.79 -12.82
C ARG A 130 -10.03 -5.11 -13.09
N ASN A 131 -9.75 -4.78 -14.33
CA ASN A 131 -8.48 -4.21 -14.65
C ASN A 131 -8.66 -3.33 -15.89
N ARG A 132 -8.17 -3.81 -16.99
CA ARG A 132 -8.22 -3.08 -18.26
C ARG A 132 -9.64 -2.84 -18.74
N ASN A 133 -10.52 -3.74 -18.35
CA ASN A 133 -11.92 -3.58 -18.61
C ASN A 133 -12.65 -2.50 -17.87
N VAL A 134 -12.00 -1.94 -16.85
CA VAL A 134 -12.64 -0.94 -15.99
C VAL A 134 -11.82 0.33 -15.75
N ALA A 135 -10.88 0.64 -16.64
CA ALA A 135 -10.00 1.78 -16.39
C ALA A 135 -10.77 3.09 -16.36
N ASP A 136 -10.39 3.94 -15.40
CA ASP A 136 -11.01 5.25 -15.23
C ASP A 136 -10.98 5.68 -13.77
N ALA A 137 -11.53 6.86 -13.49
CA ALA A 137 -11.62 7.39 -12.14
C ALA A 137 -13.08 7.60 -11.78
N GLY A 138 -13.50 7.12 -10.61
CA GLY A 138 -14.93 7.24 -10.23
C GLY A 138 -15.50 6.12 -9.35
N MET A 139 -16.81 6.13 -9.14
CA MET A 139 -17.39 5.14 -8.22
C MET A 139 -17.06 3.71 -8.67
N HIS A 140 -16.65 3.56 -9.91
CA HIS A 140 -16.48 2.22 -10.43
C HIS A 140 -15.02 1.80 -10.67
N ALA A 141 -14.03 2.72 -10.53
CA ALA A 141 -12.60 2.40 -10.76
C ALA A 141 -12.16 1.50 -9.63
N THR A 142 -10.89 1.20 -9.59
CA THR A 142 -10.47 0.20 -8.54
C THR A 142 -10.11 0.91 -7.23
N ILE A 143 -10.16 0.21 -6.11
CA ILE A 143 -9.78 0.82 -4.86
C ILE A 143 -8.31 1.23 -4.81
N GLN A 144 -7.41 0.36 -5.24
CA GLN A 144 -5.96 0.71 -5.28
C GLN A 144 -5.62 1.01 -6.75
N PRO A 145 -4.71 1.96 -6.98
CA PRO A 145 -4.33 2.24 -8.36
C PRO A 145 -3.58 1.00 -8.90
N ARG A 146 -3.79 0.69 -10.15
CA ARG A 146 -3.18 -0.49 -10.72
C ARG A 146 -1.80 -0.16 -11.29
N LEU A 147 -1.62 1.11 -11.66
CA LEU A 147 -0.32 1.52 -12.24
C LEU A 147 0.46 2.14 -11.08
N ASN A 148 1.67 1.62 -10.78
CA ASN A 148 2.39 2.17 -9.67
C ASN A 148 3.86 2.39 -10.02
N MET A 149 4.44 3.39 -9.37
CA MET A 149 5.87 3.72 -9.68
C MET A 149 6.78 3.08 -8.68
N VAL A 150 7.37 1.99 -9.11
CA VAL A 150 8.20 1.18 -8.15
C VAL A 150 9.65 1.16 -8.65
N LEU A 151 10.54 1.60 -7.78
CA LEU A 151 11.96 1.60 -8.04
C LEU A 151 12.51 0.30 -7.54
N ASP A 152 13.13 -0.47 -8.46
CA ASP A 152 13.71 -1.74 -8.10
C ASP A 152 15.17 -1.51 -7.76
N LEU A 153 15.43 -1.49 -6.46
CA LEU A 153 16.82 -1.19 -6.02
C LEU A 153 17.79 -2.34 -6.24
N THR A 154 17.26 -3.55 -6.49
CA THR A 154 18.18 -4.65 -6.78
C THR A 154 18.85 -4.47 -8.11
N LYS A 155 18.40 -3.51 -8.95
CA LYS A 155 19.15 -3.18 -10.19
C LYS A 155 20.47 -2.42 -9.87
N PHE A 156 20.63 -2.00 -8.60
CA PHE A 156 21.78 -1.16 -8.19
C PHE A 156 22.35 -1.80 -6.96
N PRO A 157 22.93 -3.01 -7.09
CA PRO A 157 23.37 -3.72 -5.86
C PRO A 157 24.44 -3.02 -5.07
N ASP A 158 25.25 -2.20 -5.71
CA ASP A 158 26.36 -1.53 -5.03
C ASP A 158 26.04 -0.09 -4.59
N ALA A 159 24.79 0.36 -4.80
CA ALA A 159 24.46 1.73 -4.41
C ALA A 159 24.65 1.91 -2.94
N LYS A 160 25.29 3.01 -2.61
CA LYS A 160 25.48 3.35 -1.21
C LYS A 160 24.50 4.44 -0.82
N THR A 161 24.30 5.41 -1.67
CA THR A 161 23.38 6.53 -1.37
C THR A 161 22.40 6.75 -2.52
N THR A 162 21.33 7.53 -2.22
CA THR A 162 20.28 7.78 -3.20
C THR A 162 20.83 8.25 -4.51
N LEU A 163 21.85 9.14 -4.41
CA LEU A 163 22.27 9.77 -5.70
C LEU A 163 22.93 8.72 -6.63
N ASP A 164 23.41 7.58 -6.08
CA ASP A 164 24.04 6.54 -6.95
C ASP A 164 23.06 5.90 -7.94
N LEU A 165 21.75 6.11 -7.72
CA LEU A 165 20.75 5.39 -8.48
C LEU A 165 20.36 6.24 -9.72
N TYR A 166 20.92 7.48 -9.78
CA TYR A 166 20.32 8.47 -10.72
C TYR A 166 21.30 9.15 -11.71
N PRO A 167 20.82 9.53 -12.92
CA PRO A 167 21.65 10.30 -13.86
C PRO A 167 21.91 11.71 -13.34
N SER A 168 23.00 12.27 -13.81
CA SER A 168 23.42 13.58 -13.32
C SER A 168 22.29 14.58 -13.29
N LYS A 169 21.44 14.63 -14.30
CA LYS A 169 20.34 15.65 -14.27
C LYS A 169 19.41 15.50 -13.10
N THR A 170 19.20 14.25 -12.61
CA THR A 170 18.34 14.01 -11.47
C THR A 170 19.18 14.22 -10.21
N LYS A 171 20.50 13.95 -10.19
CA LYS A 171 21.35 14.19 -8.98
C LYS A 171 21.18 15.69 -8.70
N SER A 172 21.11 16.53 -9.72
CA SER A 172 21.00 18.00 -9.49
C SER A 172 19.67 18.37 -8.88
N LYS A 173 18.65 17.64 -9.27
CA LYS A 173 17.28 17.92 -8.73
C LYS A 173 17.25 17.60 -7.24
N ILE A 174 17.88 16.51 -6.88
CA ILE A 174 17.85 16.05 -5.49
C ILE A 174 18.76 16.86 -4.60
N LYS A 175 19.90 17.33 -5.17
CA LYS A 175 20.83 18.10 -4.41
C LYS A 175 20.29 19.47 -4.05
N ARG A 176 19.46 20.02 -4.90
CA ARG A 176 18.96 21.37 -4.73
C ARG A 176 18.33 21.70 -3.36
N PRO A 177 17.29 20.99 -2.91
CA PRO A 177 16.81 21.39 -1.56
C PRO A 177 17.84 21.37 -0.46
N PHE A 178 18.73 20.39 -0.45
CA PHE A 178 19.74 20.32 0.59
C PHE A 178 20.72 21.54 0.47
N ARG A 179 21.03 21.90 -0.78
CA ARG A 179 21.96 23.01 -1.00
C ARG A 179 21.31 24.30 -0.45
N ASP A 180 20.01 24.32 -0.52
CA ASP A 180 19.20 25.55 -0.19
C ASP A 180 18.80 25.50 1.31
N GLY A 181 19.38 24.60 2.09
CA GLY A 181 19.24 24.49 3.53
C GLY A 181 18.08 23.60 4.04
N VAL A 182 17.43 22.85 3.16
CA VAL A 182 16.35 21.94 3.63
C VAL A 182 17.05 20.84 4.44
N GLU A 183 16.52 20.51 5.61
CA GLU A 183 17.08 19.45 6.46
C GLU A 183 15.90 18.51 6.78
N VAL A 184 16.17 17.21 6.76
CA VAL A 184 15.12 16.19 7.08
C VAL A 184 15.40 15.44 8.37
N HIS A 185 14.41 15.35 9.29
CA HIS A 185 14.52 14.51 10.46
C HIS A 185 13.45 13.40 10.27
N SER A 186 13.64 12.30 10.94
CA SER A 186 12.64 11.19 10.79
C SER A 186 12.47 10.45 12.10
N GLY A 187 11.28 9.92 12.29
CA GLY A 187 11.06 9.13 13.55
C GLY A 187 9.61 8.67 13.49
N ASN A 188 9.10 8.11 14.55
CA ASN A 188 7.71 7.73 14.62
C ASN A 188 7.08 8.12 15.99
N SER A 189 7.45 9.28 16.55
CA SER A 189 6.81 9.79 17.76
C SER A 189 5.62 10.68 17.46
N ALA A 190 4.98 11.12 18.53
CA ALA A 190 3.89 12.06 18.40
C ALA A 190 4.35 13.41 17.83
N THR A 191 5.63 13.77 18.03
CA THR A 191 6.05 15.08 17.56
C THR A 191 6.16 15.03 16.01
N GLU A 192 6.69 13.93 15.42
CA GLU A 192 6.72 13.90 13.97
C GLU A 192 5.29 13.81 13.44
N LEU A 193 4.39 13.11 14.17
CA LEU A 193 3.01 12.99 13.69
C LEU A 193 2.37 14.34 13.67
N ASP A 194 2.59 15.14 14.69
CA ASP A 194 2.00 16.48 14.66
C ASP A 194 2.54 17.33 13.52
N GLU A 195 3.85 17.25 13.24
CA GLU A 195 4.37 17.90 12.03
C GLU A 195 3.75 17.46 10.73
N PHE A 196 3.71 16.13 10.54
CA PHE A 196 2.99 15.56 9.42
C PHE A 196 1.56 16.12 9.35
N PHE A 197 0.81 16.04 10.45
CA PHE A 197 -0.63 16.36 10.36
C PHE A 197 -0.88 17.84 10.00
N LYS A 198 -0.02 18.74 10.53
CA LYS A 198 -0.07 20.15 10.05
C LYS A 198 0.12 20.27 8.55
N THR A 199 1.15 19.61 8.00
CA THR A 199 1.37 19.71 6.57
C THR A 199 0.30 19.03 5.75
N TYR A 200 -0.27 17.92 6.27
CA TYR A 200 -1.29 17.15 5.62
C TYR A 200 -2.63 17.89 5.55
N THR A 201 -3.02 18.53 6.64
CA THR A 201 -4.30 19.28 6.64
C THR A 201 -4.10 20.60 5.84
N THR A 202 -2.88 21.19 5.88
CA THR A 202 -2.67 22.36 5.02
C THR A 202 -2.78 22.02 3.58
N MET A 203 -2.13 20.94 3.14
CA MET A 203 -2.24 20.56 1.77
C MET A 203 -3.72 20.28 1.37
N ALA A 204 -4.42 19.57 2.22
CA ALA A 204 -5.77 19.17 1.93
C ALA A 204 -6.61 20.43 1.81
N GLU A 205 -6.42 21.45 2.67
CA GLU A 205 -7.22 22.69 2.57
C GLU A 205 -6.89 23.41 1.25
N ARG A 206 -5.54 23.42 0.94
CA ARG A 206 -5.13 24.07 -0.31
C ARG A 206 -5.69 23.35 -1.52
N HIS A 207 -6.02 22.15 -1.54
CA HIS A 207 -6.52 21.45 -2.72
C HIS A 207 -8.03 21.31 -2.64
N GLY A 208 -8.59 21.78 -1.55
CA GLY A 208 -10.04 21.65 -1.38
C GLY A 208 -10.55 20.21 -1.27
N ILE A 209 -9.79 19.37 -0.55
CA ILE A 209 -10.07 17.91 -0.43
C ILE A 209 -10.21 17.55 0.98
N THR A 210 -10.73 16.34 1.23
CA THR A 210 -10.79 15.77 2.61
C THR A 210 -9.45 15.27 3.12
N HIS A 211 -9.33 15.04 4.44
CA HIS A 211 -8.13 14.36 4.98
C HIS A 211 -8.62 13.42 6.04
N ARG A 212 -7.86 12.37 6.33
CA ARG A 212 -8.23 11.49 7.47
C ARG A 212 -7.95 12.17 8.78
N PRO A 213 -8.79 11.81 9.74
CA PRO A 213 -8.55 12.40 11.10
C PRO A 213 -7.24 11.89 11.70
N ILE A 214 -6.66 12.71 12.62
CA ILE A 214 -5.32 12.37 13.20
C ILE A 214 -5.39 11.04 13.96
N GLU A 215 -6.57 10.64 14.44
CA GLU A 215 -6.65 9.36 15.15
C GLU A 215 -6.27 8.20 14.27
N TYR A 216 -6.47 8.28 12.97
CA TYR A 216 -6.10 7.14 12.09
C TYR A 216 -4.60 6.90 12.15
N PHE A 217 -3.85 8.02 12.10
CA PHE A 217 -2.39 7.94 12.12
C PHE A 217 -1.89 7.59 13.51
N GLN A 218 -2.61 8.03 14.53
CA GLN A 218 -2.26 7.59 15.85
C GLN A 218 -2.38 6.08 15.96
N ARG A 219 -3.44 5.52 15.38
CA ARG A 219 -3.64 4.09 15.44
C ARG A 219 -2.50 3.40 14.71
N MET A 220 -2.15 3.96 13.56
CA MET A 220 -1.01 3.44 12.80
C MET A 220 0.28 3.46 13.67
N GLN A 221 0.56 4.59 14.29
CA GLN A 221 1.76 4.67 15.11
C GLN A 221 1.74 3.69 16.29
N ALA A 222 0.56 3.43 16.86
CA ALA A 222 0.47 2.44 17.93
C ALA A 222 0.60 1.02 17.41
N ALA A 223 0.23 0.78 16.14
CA ALA A 223 0.26 -0.66 15.62
C ALA A 223 1.65 -1.02 15.11
N PHE A 224 2.40 -0.03 14.65
CA PHE A 224 3.70 -0.25 13.94
C PHE A 224 4.87 0.49 14.65
N ASP A 225 5.97 -0.18 14.92
CA ASP A 225 7.04 0.57 15.50
C ASP A 225 7.91 1.29 14.49
N ALA A 226 8.93 1.91 15.05
CA ALA A 226 9.72 2.85 14.34
C ALA A 226 10.68 2.21 13.32
N ASP A 227 10.80 0.87 13.31
CA ASP A 227 11.43 0.17 12.22
C ASP A 227 10.50 -0.22 11.10
N THR A 228 9.18 -0.01 11.25
CA THR A 228 8.18 -0.31 10.23
C THR A 228 7.61 0.97 9.68
N MET A 229 7.22 1.87 10.57
CA MET A 229 6.61 3.08 10.16
C MET A 229 7.51 4.28 10.48
N ARG A 230 7.69 5.20 9.50
CA ARG A 230 8.61 6.31 9.78
C ARG A 230 8.03 7.53 9.08
N ILE A 231 8.06 8.64 9.81
CA ILE A 231 7.59 9.91 9.29
C ILE A 231 8.86 10.74 9.07
N PHE A 232 8.94 11.35 7.86
CA PHE A 232 10.14 12.17 7.48
C PHE A 232 9.64 13.61 7.37
N VAL A 233 10.37 14.55 7.97
CA VAL A 233 9.85 15.95 8.17
C VAL A 233 10.98 16.82 7.61
N ALA A 234 10.70 17.53 6.53
CA ALA A 234 11.67 18.47 5.97
C ALA A 234 11.35 19.92 6.44
N GLU A 235 12.43 20.58 6.84
CA GLU A 235 12.29 21.98 7.36
C GLU A 235 13.47 22.76 6.80
N ARG A 236 13.38 24.08 6.89
CA ARG A 236 14.53 24.88 6.56
C ARG A 236 14.59 26.02 7.58
N GLU A 237 15.68 26.05 8.30
CA GLU A 237 15.94 27.12 9.31
C GLU A 237 14.72 27.30 10.20
N GLY A 238 14.36 26.17 10.82
CA GLY A 238 13.19 26.04 11.69
C GLY A 238 11.82 26.27 11.11
N LYS A 239 11.68 26.29 9.78
CA LYS A 239 10.36 26.46 9.21
C LYS A 239 9.91 25.15 8.52
N LEU A 240 8.72 24.68 8.89
CA LEU A 240 8.21 23.42 8.43
C LEU A 240 7.80 23.51 6.96
N LEU A 241 8.24 22.52 6.16
CA LEU A 241 7.99 22.65 4.71
C LEU A 241 7.14 21.50 4.14
N SER A 242 7.63 20.26 4.27
CA SER A 242 6.86 19.12 3.75
C SER A 242 7.19 17.87 4.53
N THR A 243 6.35 16.84 4.38
CA THR A 243 6.58 15.60 5.23
C THR A 243 6.11 14.42 4.41
N GLY A 244 6.44 13.22 4.83
CA GLY A 244 5.88 12.02 4.16
C GLY A 244 5.94 10.91 5.16
N ILE A 245 5.04 9.93 5.01
CA ILE A 245 5.09 8.74 5.85
C ILE A 245 5.41 7.57 4.97
N ALA A 246 6.37 6.74 5.45
CA ALA A 246 6.70 5.52 4.66
C ALA A 246 6.60 4.30 5.51
N LEU A 247 6.17 3.19 4.93
CA LEU A 247 6.03 1.92 5.65
C LEU A 247 6.97 0.94 5.01
N LYS A 248 7.75 0.29 5.88
CA LYS A 248 8.68 -0.75 5.41
C LYS A 248 8.09 -2.08 5.81
N TYR A 249 7.86 -2.96 4.84
CA TYR A 249 7.24 -4.23 5.14
C TYR A 249 7.55 -5.21 4.01
N GLY A 250 7.91 -6.46 4.32
CA GLY A 250 8.14 -7.33 3.15
C GLY A 250 9.34 -6.84 2.39
N ARG A 251 9.27 -6.94 1.09
CA ARG A 251 10.34 -6.50 0.22
C ARG A 251 10.28 -5.00 -0.25
N LYS A 252 9.46 -4.16 0.38
CA LYS A 252 9.33 -2.78 -0.11
C LYS A 252 9.19 -1.75 0.98
N ILE A 253 9.72 -0.57 0.70
CA ILE A 253 9.33 0.62 1.49
C ILE A 253 8.37 1.38 0.57
N TRP A 254 7.24 1.79 1.20
CA TRP A 254 6.16 2.40 0.48
C TRP A 254 5.88 3.81 1.01
N TYR A 255 5.97 4.77 0.10
CA TYR A 255 5.64 6.15 0.40
C TYR A 255 4.15 6.23 0.30
N MET A 256 3.55 6.36 1.49
CA MET A 256 2.06 6.18 1.60
C MET A 256 1.27 7.48 1.79
N TYR A 257 1.83 8.44 2.52
CA TYR A 257 1.15 9.70 2.81
C TYR A 257 2.12 10.85 2.67
N ALA A 258 1.61 12.03 2.28
CA ALA A 258 2.43 13.25 2.20
C ALA A 258 1.66 14.47 2.63
N GLY A 259 2.43 15.49 2.97
CA GLY A 259 1.81 16.83 3.20
C GLY A 259 2.83 17.89 2.88
N SER A 260 2.35 19.09 2.63
CA SER A 260 3.26 20.20 2.27
C SER A 260 2.59 21.50 2.61
N MET A 261 3.42 22.46 3.04
CA MET A 261 2.89 23.76 3.35
C MET A 261 2.65 24.55 2.08
N ASP A 262 1.92 25.66 2.25
CA ASP A 262 1.65 26.51 1.10
C ASP A 262 2.89 27.29 0.67
N GLY A 263 2.85 27.86 -0.53
CA GLY A 263 3.95 28.74 -0.95
C GLY A 263 5.24 27.97 -1.24
N ASN A 264 6.33 28.70 -1.03
CA ASN A 264 7.77 28.34 -1.30
C ASN A 264 8.08 27.07 -0.43
N THR A 265 8.23 25.88 -1.01
CA THR A 265 8.72 24.75 -0.15
C THR A 265 10.16 24.31 -0.48
N TYR A 266 10.87 25.07 -1.34
CA TYR A 266 12.30 24.88 -1.53
C TYR A 266 12.61 23.47 -2.00
N TYR A 267 11.68 22.88 -2.75
CA TYR A 267 11.85 21.48 -3.27
C TYR A 267 12.02 20.46 -2.18
N ALA A 268 11.49 20.77 -1.01
CA ALA A 268 11.51 19.82 0.15
C ALA A 268 10.97 18.45 -0.14
N PRO A 269 9.90 18.33 -0.94
CA PRO A 269 9.44 16.95 -1.27
C PRO A 269 10.54 16.10 -1.91
N TYR A 270 11.45 16.69 -2.73
CA TYR A 270 12.55 15.89 -3.28
C TYR A 270 13.49 15.41 -2.10
N ALA A 271 13.72 16.23 -1.08
CA ALA A 271 14.54 15.86 0.05
C ALA A 271 13.87 14.74 0.82
N VAL A 272 12.56 14.82 1.01
CA VAL A 272 11.86 13.71 1.70
C VAL A 272 12.04 12.39 0.90
N GLN A 273 11.83 12.43 -0.43
CA GLN A 273 12.04 11.21 -1.23
C GLN A 273 13.45 10.69 -1.08
N SER A 274 14.43 11.57 -1.11
CA SER A 274 15.79 11.15 -1.07
C SER A 274 16.11 10.37 0.23
N GLU A 275 15.51 10.86 1.30
CA GLU A 275 15.76 10.28 2.61
C GLU A 275 14.99 8.92 2.73
N MET A 276 13.78 8.85 2.20
CA MET A 276 13.02 7.57 2.17
C MET A 276 13.79 6.56 1.40
N ILE A 277 14.26 6.96 0.23
CA ILE A 277 15.11 6.10 -0.57
C ILE A 277 16.35 5.63 0.24
N GLN A 278 17.00 6.53 1.00
CA GLN A 278 18.20 6.17 1.74
C GLN A 278 17.85 5.16 2.81
N TRP A 279 16.64 5.25 3.37
CA TRP A 279 16.26 4.23 4.37
C TRP A 279 16.11 2.85 3.67
N ALA A 280 15.58 2.81 2.44
CA ALA A 280 15.46 1.54 1.68
C ALA A 280 16.88 1.00 1.41
N LEU A 281 17.81 1.87 0.98
CA LEU A 281 19.18 1.36 0.78
C LEU A 281 19.83 0.85 2.05
N ASP A 282 19.68 1.58 3.13
CA ASP A 282 20.33 1.26 4.43
C ASP A 282 19.81 -0.02 5.03
N THR A 283 18.56 -0.42 4.70
CA THR A 283 17.98 -1.66 5.20
C THR A 283 18.02 -2.74 4.16
N ASN A 284 18.71 -2.52 3.00
CA ASN A 284 18.87 -3.54 1.93
C ASN A 284 17.51 -4.00 1.39
N THR A 285 16.56 -3.07 1.27
CA THR A 285 15.19 -3.38 0.86
C THR A 285 15.17 -3.35 -0.66
N ASP A 286 14.49 -4.35 -1.19
CA ASP A 286 14.49 -4.52 -2.66
C ASP A 286 13.79 -3.42 -3.41
N LEU A 287 12.61 -2.95 -2.94
CA LEU A 287 11.78 -2.06 -3.78
C LEU A 287 11.48 -0.79 -2.99
N TYR A 288 11.33 0.31 -3.70
CA TYR A 288 10.83 1.55 -3.08
C TYR A 288 9.63 1.92 -3.93
N ASP A 289 8.46 2.06 -3.28
CA ASP A 289 7.25 2.23 -4.02
C ASP A 289 6.68 3.60 -3.80
N LEU A 290 6.56 4.44 -4.86
CA LEU A 290 5.99 5.78 -4.70
C LEU A 290 4.50 5.78 -4.95
N GLY A 291 3.95 4.62 -5.23
CA GLY A 291 2.51 4.51 -5.26
C GLY A 291 1.96 4.89 -6.63
N GLY A 292 0.66 5.20 -6.60
CA GLY A 292 -0.10 5.17 -7.87
C GLY A 292 0.06 6.36 -8.78
N ILE A 293 -0.25 6.14 -10.05
CA ILE A 293 -0.44 7.22 -11.09
C ILE A 293 -1.71 6.95 -11.85
N GLU A 294 -2.26 8.00 -12.47
CA GLU A 294 -3.42 7.82 -13.35
C GLU A 294 -3.01 7.38 -14.76
N SER A 295 -1.99 7.97 -15.32
CA SER A 295 -1.53 7.52 -16.63
C SER A 295 -0.07 7.86 -16.74
N GLU A 296 0.61 7.12 -17.57
CA GLU A 296 2.01 7.26 -17.77
C GLU A 296 2.07 8.38 -18.75
N SER A 297 1.74 9.56 -18.27
CA SER A 297 1.68 10.70 -19.13
C SER A 297 2.13 11.95 -18.50
N THR A 298 2.76 12.84 -19.28
CA THR A 298 3.28 14.12 -18.80
C THR A 298 2.17 15.00 -18.38
N ASP A 299 0.98 14.72 -18.85
CA ASP A 299 -0.15 15.44 -18.35
C ASP A 299 -0.60 15.04 -16.92
N ASP A 300 -0.11 13.92 -16.41
CA ASP A 300 -0.54 13.45 -15.11
C ASP A 300 0.46 13.94 -14.05
N SER A 301 0.05 14.85 -13.16
CA SER A 301 1.02 15.44 -12.24
C SER A 301 1.59 14.41 -11.23
N LEU A 302 0.82 13.38 -10.87
CA LEU A 302 1.38 12.32 -9.99
C LEU A 302 2.58 11.69 -10.74
N TYR A 303 2.37 11.35 -12.01
CA TYR A 303 3.41 10.77 -12.88
C TYR A 303 4.65 11.65 -13.01
N VAL A 304 4.44 12.95 -13.21
CA VAL A 304 5.57 13.85 -13.43
C VAL A 304 6.62 13.82 -12.27
N PHE A 305 6.11 14.03 -11.07
CA PHE A 305 6.89 13.98 -9.81
C PHE A 305 7.48 12.59 -9.58
N LYS A 306 6.64 11.57 -9.66
CA LYS A 306 7.18 10.20 -9.42
C LYS A 306 8.20 9.72 -10.39
N HIS A 307 8.10 10.12 -11.68
CA HIS A 307 9.02 9.79 -12.66
C HIS A 307 10.49 10.38 -12.55
N VAL A 308 10.64 11.43 -11.77
CA VAL A 308 11.99 11.86 -11.32
C VAL A 308 12.70 10.64 -10.67
N PHE A 309 11.91 9.89 -9.89
CA PHE A 309 12.52 8.90 -9.04
C PHE A 309 12.51 7.52 -9.65
N VAL A 310 11.52 7.30 -10.50
CA VAL A 310 11.35 5.99 -11.19
C VAL A 310 11.37 6.23 -12.67
N LYS A 311 12.46 5.84 -13.26
CA LYS A 311 12.63 5.95 -14.65
C LYS A 311 12.11 4.75 -15.40
N ASP A 312 12.09 3.58 -14.78
CA ASP A 312 11.47 2.44 -15.43
C ASP A 312 9.95 2.61 -15.63
N ALA A 313 9.43 1.74 -16.47
CA ALA A 313 8.01 1.51 -16.70
C ALA A 313 7.31 1.41 -15.33
N PRO A 314 6.19 2.10 -15.17
CA PRO A 314 5.33 1.75 -14.07
C PRO A 314 4.97 0.25 -14.06
N ARG A 315 4.80 -0.29 -12.85
CA ARG A 315 4.29 -1.67 -12.74
C ARG A 315 2.79 -1.58 -12.93
N GLU A 316 2.19 -2.56 -13.62
CA GLU A 316 0.74 -2.58 -13.85
C GLU A 316 0.28 -3.87 -13.21
N TYR A 317 -0.53 -3.79 -12.17
CA TYR A 317 -0.98 -5.04 -11.54
C TYR A 317 -2.30 -5.65 -12.12
N ILE A 318 -2.59 -6.89 -11.77
CA ILE A 318 -3.74 -7.59 -12.21
C ILE A 318 -5.04 -6.86 -11.83
N GLY A 319 -5.01 -5.98 -10.82
CA GLY A 319 -6.26 -5.38 -10.39
C GLY A 319 -7.06 -6.11 -9.37
N GLU A 320 -8.41 -5.96 -9.46
CA GLU A 320 -9.28 -6.56 -8.47
C GLU A 320 -9.73 -7.96 -8.89
N ILE A 321 -9.56 -8.89 -7.97
CA ILE A 321 -10.05 -10.27 -8.20
C ILE A 321 -11.22 -10.44 -7.25
N ASP A 322 -12.38 -10.83 -7.78
CA ASP A 322 -13.65 -10.83 -7.04
C ASP A 322 -14.16 -12.27 -7.05
N LYS A 323 -14.18 -12.86 -5.81
CA LYS A 323 -14.91 -14.16 -5.58
C LYS A 323 -16.38 -13.72 -5.28
N VAL A 324 -17.25 -13.90 -6.28
CA VAL A 324 -18.64 -13.41 -6.15
C VAL A 324 -19.38 -14.39 -5.27
N LEU A 325 -20.07 -13.91 -4.21
CA LEU A 325 -20.73 -14.78 -3.29
C LEU A 325 -22.27 -14.58 -3.37
N ASP A 326 -22.73 -13.33 -3.45
CA ASP A 326 -24.17 -13.13 -3.59
C ASP A 326 -24.28 -12.36 -4.88
N PRO A 327 -24.56 -13.04 -5.97
CA PRO A 327 -24.57 -12.44 -7.28
C PRO A 327 -25.57 -11.32 -7.48
N GLU A 328 -26.72 -11.40 -6.77
CA GLU A 328 -27.76 -10.40 -6.93
C GLU A 328 -27.25 -9.07 -6.35
N VAL A 329 -26.71 -9.15 -5.12
CA VAL A 329 -26.08 -7.97 -4.54
C VAL A 329 -24.84 -7.51 -5.29
N TYR A 330 -24.01 -8.44 -5.79
CA TYR A 330 -22.93 -7.99 -6.60
C TYR A 330 -23.31 -7.17 -7.82
N ALA A 331 -24.31 -7.62 -8.50
CA ALA A 331 -24.76 -6.88 -9.65
C ALA A 331 -25.32 -5.51 -9.29
N GLU A 332 -25.90 -5.41 -8.11
CA GLU A 332 -26.46 -4.10 -7.72
C GLU A 332 -25.36 -3.10 -7.46
N LEU A 333 -24.30 -3.60 -6.82
CA LEU A 333 -23.24 -2.72 -6.30
C LEU A 333 -22.03 -2.55 -7.20
N VAL A 334 -21.86 -3.42 -8.17
CA VAL A 334 -20.61 -3.46 -8.93
C VAL A 334 -21.03 -3.40 -10.42
N LYS A 335 -20.61 -2.34 -11.07
CA LYS A 335 -20.76 -2.13 -12.51
C LYS A 335 -19.34 -1.89 -13.17
N ASP A 336 -19.18 -2.13 -14.47
CA ASP A 336 -17.91 -1.70 -15.06
C ASP A 336 -17.87 -0.16 -15.08
N1 UMA B 1 -15.76 -0.37 -1.28
C2 UMA B 1 -16.04 -1.16 -2.40
N3 UMA B 1 -17.19 -1.95 -2.42
C4 UMA B 1 -18.05 -1.94 -1.37
C5 UMA B 1 -17.79 -1.14 -0.22
C6 UMA B 1 -16.63 -0.34 -0.19
O2 UMA B 1 -15.29 -1.21 -3.37
O4 UMA B 1 -19.09 -2.63 -1.45
C1B UMA B 1 -14.53 0.48 -1.46
C2B UMA B 1 -15.01 1.90 -1.19
O2' UMA B 1 -15.47 2.53 -2.41
C3B UMA B 1 -13.71 2.59 -0.74
C4B UMA B 1 -12.98 1.44 0.01
O4B UMA B 1 -13.82 0.25 -0.18
O3B UMA B 1 -12.87 2.93 -1.88
C5B UMA B 1 -12.98 1.71 1.46
O5B UMA B 1 -12.18 2.95 1.68
PA UMA B 1 -11.27 3.09 2.95
O1A UMA B 1 -10.33 1.92 3.08
O2A UMA B 1 -10.68 4.46 2.85
O3A UMA B 1 -12.30 3.20 4.16
PB UMA B 1 -12.08 3.78 5.59
O1B UMA B 1 -10.63 3.56 6.08
O2B UMA B 1 -13.22 3.30 6.37
O1' UMA B 1 -12.19 5.35 5.45
C1' UMA B 1 -13.43 6.01 5.20
C2' UMA B 1 -13.30 7.24 4.32
N2' UMA B 1 -12.94 6.66 3.01
C7' UMA B 1 -13.55 6.98 1.88
O7' UMA B 1 -14.44 7.82 1.84
C8' UMA B 1 -13.13 6.09 0.68
C3' UMA B 1 -12.17 8.16 4.84
O3' UMA B 1 -11.96 9.35 4.01
C4' UMA B 1 -12.59 8.57 6.24
O4' UMA B 1 -11.56 9.30 6.83
C5' UMA B 1 -12.86 7.35 7.11
O5' UMA B 1 -13.85 6.48 6.53
C6' UMA B 1 -13.39 7.72 8.51
O6' UMA B 1 -14.53 8.60 8.43
C18 UMA B 1 -10.76 9.30 3.08
C19 UMA B 1 -11.30 9.44 1.67
O18 UMA B 1 -11.05 8.52 0.82
C20 UMA B 1 -9.92 10.58 3.41
N4 UMA B 1 -12.16 10.43 1.45
C21 UMA B 1 -12.80 10.52 0.14
C22 UMA B 1 -11.93 11.16 -0.88
O19 UMA B 1 -12.36 11.28 -2.08
C23 UMA B 1 -14.13 11.28 0.37
N FGA B 2 -10.77 11.73 -0.53
CA FGA B 2 -10.00 12.59 -1.42
C FGA B 2 -10.81 13.88 -1.71
O FGA B 2 -11.58 14.37 -0.82
CB FGA B 2 -8.66 12.94 -0.78
CG FGA B 2 -7.55 11.93 -1.29
CD FGA B 2 -7.89 10.53 -0.75
OE1 FGA B 2 -7.91 10.34 0.48
OXT FGA B 2 -10.68 14.35 -2.90
N LYS B 3 -8.04 9.65 -1.76
CA LYS B 3 -8.35 8.28 -1.26
C LYS B 3 -7.09 7.44 -1.22
N DAL B 4 -7.23 6.33 -0.52
CA DAL B 4 -6.18 5.30 -0.48
CB DAL B 4 -6.80 3.97 -1.00
C DAL B 4 -5.69 5.14 0.95
O DAL B 4 -6.01 5.90 1.88
N DAL B 5 -4.76 4.22 1.04
CA DAL B 5 -4.00 4.07 2.26
CB DAL B 5 -3.06 2.85 2.09
C DAL B 5 -5.00 3.79 3.40
O DAL B 5 -4.70 4.29 4.51
OXT DAL B 5 -5.98 3.06 3.18
MG MG C . -26.01 -2.62 5.28
MG MG D . 22.23 -1.56 1.44
MG MG E . 14.78 5.19 -11.20
C1 GOL F . -10.86 15.15 17.83
O1 GOL F . -11.29 15.63 16.56
C2 GOL F . -9.41 15.70 18.02
O2 GOL F . -8.49 15.05 17.14
C3 GOL F . -8.90 15.25 19.40
O3 GOL F . -9.45 16.25 20.23
N ALA G . -14.16 3.44 -4.88
CA ALA G . -14.73 4.85 -5.01
C ALA G . -13.95 5.69 -4.01
O ALA G . -13.71 5.37 -2.86
CB ALA G . -16.23 4.94 -4.63
#